data_3W8O
#
_entry.id   3W8O
#
_cell.length_a   153.868
_cell.length_b   153.868
_cell.length_c   36.699
_cell.angle_alpha   90.000
_cell.angle_beta   90.000
_cell.angle_gamma   120.000
#
_symmetry.space_group_name_H-M   'P 61'
#
loop_
_entity.id
_entity.type
_entity.pdbx_description
1 polymer 'Heme acquisition protein HasAp'
2 non-polymer [29H,31H-phthalocyaninato(2-)-kappa~4~N~29~,N~30~,N~31~,N~32~]iron
3 water water
#
_entity_poly.entity_id   1
_entity_poly.type   'polypeptide(L)'
_entity_poly.pdbx_seq_one_letter_code
;GSMSISISYSTTYSGWTVADYLADWSAYFGDVNHRPGQVVDGSNTGGFNPGPFDGSQYALKSTASDAAFIAGGDLHYTLF
SNPSHTLWGKLDSIALGDTLTGGASSGGYALDSQEVSFSNLGLDSPIAQGRDGTVHKVVYGLMSGDSSALQGQIDALLKA
VDPSLSINSTFDQLAAAGVAHATPAA
;
_entity_poly.pdbx_strand_id   A,B
#
# COMPACT_ATOMS: atom_id res chain seq x y z
N MET A 3 9.31 4.20 -18.08
CA MET A 3 9.85 5.17 -17.11
C MET A 3 11.07 4.61 -16.37
N SER A 4 11.84 5.50 -15.73
CA SER A 4 13.12 5.13 -15.13
C SER A 4 12.97 4.69 -13.67
N ILE A 5 14.04 4.15 -13.13
CA ILE A 5 14.03 3.63 -11.77
C ILE A 5 13.50 4.67 -10.79
N SER A 6 12.72 4.21 -9.84
CA SER A 6 12.15 5.07 -8.84
C SER A 6 12.33 4.44 -7.49
N ILE A 7 12.83 5.22 -6.52
CA ILE A 7 13.27 4.70 -5.26
C ILE A 7 12.55 5.38 -4.10
N SER A 8 12.18 4.57 -3.11
CA SER A 8 11.59 5.06 -1.86
C SER A 8 12.54 4.71 -0.75
N TYR A 9 12.80 5.68 0.15
CA TYR A 9 13.65 5.41 1.33
C TYR A 9 13.16 6.14 2.56
N SER A 10 13.25 5.47 3.68
CA SER A 10 12.97 6.06 4.96
C SER A 10 14.03 7.13 5.24
N THR A 11 13.61 8.27 5.84
CA THR A 11 14.55 9.38 6.13
C THR A 11 15.76 8.91 6.92
N THR A 12 15.60 7.81 7.67
CA THR A 12 16.71 7.16 8.33
C THR A 12 17.94 7.07 7.42
N TYR A 13 17.72 6.71 6.17
CA TYR A 13 18.81 6.36 5.29
C TYR A 13 19.26 7.55 4.42
N SER A 14 18.79 8.75 4.76
CA SER A 14 18.99 9.93 3.91
C SER A 14 20.45 10.08 3.50
N GLY A 15 21.34 9.91 4.46
CA GLY A 15 22.75 10.12 4.24
C GLY A 15 23.51 8.85 3.99
N TRP A 16 22.78 7.73 3.92
CA TRP A 16 23.39 6.44 3.59
C TRP A 16 23.57 6.32 2.08
N THR A 17 24.56 5.55 1.65
CA THR A 17 24.67 5.14 0.24
C THR A 17 23.90 3.86 0.00
N VAL A 18 23.43 3.67 -1.23
CA VAL A 18 22.66 2.47 -1.59
C VAL A 18 23.52 1.21 -1.38
N ALA A 19 24.80 1.32 -1.72
CA ALA A 19 25.74 0.23 -1.48
C ALA A 19 25.87 -0.15 0.02
N ASP A 20 26.10 0.84 0.89
CA ASP A 20 26.18 0.59 2.34
C ASP A 20 24.87 -0.06 2.81
N TYR A 21 23.75 0.56 2.44
CA TYR A 21 22.45 0.09 2.88
C TYR A 21 22.23 -1.37 2.52
N LEU A 22 22.46 -1.71 1.24
CA LEU A 22 22.11 -3.06 0.74
C LEU A 22 23.02 -4.11 1.30
N ALA A 23 24.29 -3.74 1.50
CA ALA A 23 25.26 -4.60 2.17
C ALA A 23 24.78 -4.91 3.59
N ASP A 24 24.43 -3.86 4.33
CA ASP A 24 23.91 -4.03 5.68
C ASP A 24 22.60 -4.87 5.67
N TRP A 25 21.67 -4.52 4.78
CA TRP A 25 20.36 -5.21 4.75
C TRP A 25 20.52 -6.72 4.46
N SER A 26 21.31 -7.07 3.45
N SER A 26 21.31 -7.05 3.44
CA SER A 26 21.43 -8.47 3.03
CA SER A 26 21.48 -8.41 2.99
C SER A 26 22.09 -9.34 4.10
C SER A 26 22.08 -9.32 4.09
N ALA A 27 23.01 -8.77 4.87
CA ALA A 27 23.63 -9.50 5.96
C ALA A 27 22.62 -9.66 7.11
N TYR A 28 21.76 -8.66 7.27
CA TYR A 28 20.70 -8.67 8.29
C TYR A 28 19.61 -9.71 7.92
N PHE A 29 19.18 -9.70 6.66
CA PHE A 29 18.24 -10.72 6.16
C PHE A 29 18.88 -12.11 6.22
N GLY A 30 20.15 -12.19 5.86
CA GLY A 30 20.87 -13.44 5.90
C GLY A 30 20.51 -14.37 4.74
N ASP A 31 20.64 -15.65 5.00
CA ASP A 31 20.53 -16.68 3.98
C ASP A 31 19.49 -17.69 4.47
N VAL A 32 18.43 -17.93 3.69
CA VAL A 32 17.36 -18.90 4.11
C VAL A 32 17.71 -20.36 3.72
N ASN A 33 18.86 -20.54 3.09
CA ASN A 33 19.32 -21.86 2.66
C ASN A 33 18.32 -22.57 1.78
N HIS A 34 17.94 -21.90 0.72
CA HIS A 34 17.02 -22.47 -0.24
C HIS A 34 17.82 -23.12 -1.37
N ARG A 35 18.08 -24.40 -1.21
CA ARG A 35 19.09 -25.10 -2.01
C ARG A 35 18.71 -26.53 -2.10
N PRO A 36 19.32 -27.25 -3.05
CA PRO A 36 19.00 -28.66 -3.18
C PRO A 36 19.10 -29.38 -1.85
N GLY A 37 18.09 -30.13 -1.52
CA GLY A 37 18.08 -30.93 -0.29
C GLY A 37 17.78 -30.14 0.97
N GLN A 38 17.58 -28.84 0.83
CA GLN A 38 17.37 -27.98 2.01
C GLN A 38 16.03 -27.22 1.94
N VAL A 39 15.22 -27.53 0.95
CA VAL A 39 13.82 -27.09 0.94
C VAL A 39 12.96 -28.30 1.23
N VAL A 40 12.73 -28.55 2.52
CA VAL A 40 12.12 -29.83 2.98
C VAL A 40 10.81 -29.60 3.72
N ASP A 41 10.43 -28.34 3.86
CA ASP A 41 9.16 -27.97 4.40
C ASP A 41 8.86 -26.53 3.96
N GLY A 42 7.88 -25.88 4.61
CA GLY A 42 7.40 -24.55 4.15
C GLY A 42 8.19 -23.36 4.72
N SER A 43 9.21 -23.62 5.53
CA SER A 43 9.84 -22.58 6.32
C SER A 43 10.66 -21.62 5.46
N ASN A 44 11.14 -22.08 4.30
CA ASN A 44 12.06 -21.28 3.49
C ASN A 44 11.73 -21.29 2.00
N THR A 45 10.47 -21.59 1.65
CA THR A 45 10.04 -21.57 0.24
C THR A 45 9.80 -20.16 -0.27
N GLY A 46 9.36 -19.27 0.60
CA GLY A 46 8.65 -18.11 0.19
C GLY A 46 7.29 -18.50 -0.40
N GLY A 47 6.67 -17.57 -1.08
CA GLY A 47 5.40 -17.84 -1.75
C GLY A 47 5.08 -16.86 -2.82
N PHE A 48 4.19 -17.26 -3.74
CA PHE A 48 3.73 -16.43 -4.83
C PHE A 48 2.28 -15.98 -4.61
N ASN A 49 1.99 -14.78 -5.08
CA ASN A 49 0.61 -14.30 -5.18
C ASN A 49 0.28 -14.02 -6.64
N PRO A 50 -0.69 -14.77 -7.20
CA PRO A 50 -1.59 -15.71 -6.52
C PRO A 50 -1.05 -17.12 -6.33
N GLY A 51 0.06 -17.44 -6.99
CA GLY A 51 0.59 -18.80 -6.95
C GLY A 51 -0.23 -19.76 -7.78
N PRO A 52 0.09 -21.04 -7.71
CA PRO A 52 1.05 -21.63 -6.80
C PRO A 52 2.53 -21.34 -7.15
N PHE A 53 2.83 -21.16 -8.43
CA PHE A 53 4.26 -21.01 -8.89
C PHE A 53 4.45 -19.85 -9.84
N ASP A 54 3.43 -19.00 -9.93
CA ASP A 54 3.48 -17.79 -10.74
C ASP A 54 2.78 -16.69 -10.00
N GLY A 55 3.16 -15.45 -10.25
CA GLY A 55 2.36 -14.36 -9.72
C GLY A 55 2.90 -13.00 -9.94
N SER A 56 2.14 -12.01 -9.49
CA SER A 56 2.59 -10.64 -9.51
C SER A 56 3.50 -10.31 -8.31
N GLN A 57 3.52 -11.19 -7.29
CA GLN A 57 4.50 -11.06 -6.18
C GLN A 57 5.14 -12.38 -5.84
N TYR A 58 6.41 -12.32 -5.48
CA TYR A 58 7.02 -13.35 -4.69
C TYR A 58 7.58 -12.74 -3.44
N ALA A 59 7.35 -13.39 -2.31
CA ALA A 59 7.73 -12.82 -1.01
C ALA A 59 8.34 -13.85 -0.14
N LEU A 60 9.30 -13.40 0.68
CA LEU A 60 10.03 -14.29 1.51
C LEU A 60 10.51 -13.58 2.77
N LYS A 61 10.35 -14.27 3.90
CA LYS A 61 10.79 -13.76 5.20
C LYS A 61 12.16 -14.39 5.56
N SER A 62 12.99 -13.62 6.26
CA SER A 62 14.25 -14.10 6.85
C SER A 62 13.99 -15.25 7.85
N THR A 63 14.98 -16.13 7.98
CA THR A 63 14.96 -17.21 8.97
C THR A 63 15.00 -16.70 10.42
N ALA A 64 15.91 -15.78 10.72
CA ALA A 64 16.19 -15.43 12.13
C ALA A 64 16.05 -13.93 12.44
N SER A 65 15.58 -13.14 11.47
CA SER A 65 15.14 -11.78 11.75
C SER A 65 13.73 -11.53 11.25
N ASP A 66 13.23 -10.31 11.47
CA ASP A 66 11.92 -9.93 10.99
C ASP A 66 11.99 -9.42 9.55
N ALA A 67 13.18 -9.48 8.97
CA ALA A 67 13.40 -8.94 7.65
C ALA A 67 12.62 -9.74 6.60
N ALA A 68 12.25 -9.07 5.53
CA ALA A 68 11.53 -9.70 4.43
C ALA A 68 11.65 -8.85 3.20
N PHE A 69 11.42 -9.47 2.04
CA PHE A 69 11.31 -8.72 0.81
C PHE A 69 10.12 -9.19 -0.02
N ILE A 70 9.59 -8.26 -0.81
CA ILE A 70 8.63 -8.59 -1.83
C ILE A 70 9.19 -8.22 -3.20
N ALA A 71 9.28 -9.21 -4.08
CA ALA A 71 9.55 -8.96 -5.48
C ALA A 71 8.25 -8.87 -6.24
N GLY A 72 8.09 -7.77 -6.99
CA GLY A 72 6.88 -7.55 -7.77
C GLY A 72 7.18 -7.55 -9.25
N GLY A 73 6.27 -8.13 -10.04
CA GLY A 73 6.34 -8.03 -11.49
C GLY A 73 5.36 -8.97 -12.14
N ASP A 74 5.84 -9.70 -13.15
CA ASP A 74 5.07 -10.78 -13.79
C ASP A 74 5.95 -12.00 -13.77
N LEU A 75 5.91 -12.73 -12.66
CA LEU A 75 6.95 -13.70 -12.30
C LEU A 75 6.47 -15.15 -12.45
N HIS A 76 7.41 -16.02 -12.74
CA HIS A 76 7.15 -17.40 -13.03
C HIS A 76 8.26 -18.23 -12.42
N TYR A 77 7.92 -19.41 -11.94
CA TYR A 77 8.90 -20.30 -11.34
C TYR A 77 8.71 -21.71 -11.86
N THR A 78 9.79 -22.33 -12.28
CA THR A 78 9.69 -23.59 -13.04
C THR A 78 9.57 -24.81 -12.12
N LEU A 79 9.84 -24.63 -10.83
CA LEU A 79 9.89 -25.73 -9.87
C LEU A 79 10.75 -26.88 -10.42
N PHE A 80 10.14 -28.04 -10.69
CA PHE A 80 10.90 -29.23 -11.09
C PHE A 80 11.05 -29.36 -12.60
N SER A 81 10.37 -28.49 -13.34
CA SER A 81 10.35 -28.57 -14.80
C SER A 81 11.59 -27.86 -15.38
N ASN A 82 12.15 -28.43 -16.44
CA ASN A 82 13.34 -27.87 -17.07
CA ASN A 82 13.34 -27.84 -17.11
C ASN A 82 13.06 -26.44 -17.57
N PRO A 83 14.00 -25.53 -17.32
CA PRO A 83 15.16 -25.63 -16.49
C PRO A 83 14.79 -25.46 -15.03
N SER A 84 15.14 -26.42 -14.20
CA SER A 84 14.56 -26.54 -12.88
C SER A 84 14.94 -25.38 -11.97
N HIS A 85 13.97 -24.94 -11.17
CA HIS A 85 14.18 -23.94 -10.15
C HIS A 85 14.75 -22.68 -10.74
N THR A 86 14.01 -22.14 -11.71
CA THR A 86 14.31 -20.90 -12.31
C THR A 86 13.16 -19.95 -12.06
N LEU A 87 13.45 -18.85 -11.40
CA LEU A 87 12.58 -17.68 -11.42
C LEU A 87 12.82 -16.88 -12.67
N TRP A 88 11.77 -16.69 -13.47
CA TRP A 88 11.90 -15.88 -14.68
C TRP A 88 10.70 -14.96 -14.85
N GLY A 89 10.71 -14.19 -15.93
CA GLY A 89 9.66 -13.25 -16.21
C GLY A 89 10.11 -11.81 -16.01
N LYS A 90 9.15 -10.95 -15.70
CA LYS A 90 9.42 -9.54 -15.53
C LYS A 90 9.52 -9.18 -14.05
N LEU A 91 10.66 -8.57 -13.68
CA LEU A 91 10.81 -8.01 -12.35
C LEU A 91 10.75 -6.47 -12.41
N ASP A 92 9.71 -5.90 -11.81
CA ASP A 92 9.52 -4.43 -11.76
CA ASP A 92 9.53 -4.46 -11.80
C ASP A 92 9.99 -3.84 -10.46
N SER A 93 9.81 -4.58 -9.36
CA SER A 93 10.06 -3.97 -8.04
C SER A 93 10.65 -4.90 -7.02
N ILE A 94 11.50 -4.34 -6.17
CA ILE A 94 11.99 -5.01 -4.98
C ILE A 94 11.76 -4.11 -3.79
N ALA A 95 11.01 -4.61 -2.81
CA ALA A 95 10.75 -3.86 -1.61
C ALA A 95 11.36 -4.59 -0.44
N LEU A 96 12.12 -3.84 0.39
CA LEU A 96 12.83 -4.41 1.54
C LEU A 96 12.35 -3.77 2.80
N GLY A 97 12.15 -4.56 3.84
CA GLY A 97 11.63 -4.04 5.08
C GLY A 97 11.43 -5.11 6.13
N ASP A 98 10.62 -4.79 7.12
CA ASP A 98 10.35 -5.73 8.21
C ASP A 98 8.90 -6.15 8.19
N THR A 99 8.68 -7.40 8.62
CA THR A 99 7.36 -7.90 8.99
C THR A 99 6.45 -8.10 7.78
N LEU A 100 6.65 -9.23 7.11
CA LEU A 100 5.82 -9.65 6.01
C LEU A 100 4.45 -10.12 6.50
N THR A 101 3.40 -9.73 5.78
CA THR A 101 2.05 -10.18 6.09
C THR A 101 1.34 -10.58 4.84
N GLY A 102 0.26 -11.32 5.01
CA GLY A 102 -0.61 -11.63 3.91
C GLY A 102 -0.11 -12.79 3.08
N GLY A 103 -0.48 -12.79 1.82
CA GLY A 103 -0.32 -13.95 0.97
C GLY A 103 -1.43 -14.03 -0.02
N ALA A 104 -1.43 -15.13 -0.79
CA ALA A 104 -2.41 -15.31 -1.82
C ALA A 104 -3.82 -15.33 -1.23
N SER A 105 -3.96 -15.93 -0.06
CA SER A 105 -5.28 -16.16 0.55
C SER A 105 -5.95 -14.85 0.98
N SER A 106 -5.14 -13.81 1.21
CA SER A 106 -5.68 -12.52 1.66
C SER A 106 -5.57 -11.44 0.59
N GLY A 107 -5.20 -11.84 -0.61
CA GLY A 107 -5.25 -10.93 -1.75
C GLY A 107 -3.96 -10.17 -2.00
N GLY A 108 -2.89 -10.57 -1.31
CA GLY A 108 -1.56 -9.97 -1.56
C GLY A 108 -0.65 -10.00 -0.36
N TYR A 109 0.66 -9.94 -0.63
CA TYR A 109 1.66 -9.73 0.41
C TYR A 109 1.87 -8.26 0.70
N ALA A 110 2.24 -7.96 1.93
CA ALA A 110 2.59 -6.60 2.33
C ALA A 110 3.66 -6.62 3.38
N LEU A 111 4.41 -5.53 3.47
CA LEU A 111 5.29 -5.28 4.59
C LEU A 111 4.64 -4.29 5.54
N ASP A 112 4.71 -4.58 6.83
CA ASP A 112 4.28 -3.62 7.86
C ASP A 112 5.17 -2.38 7.78
N SER A 113 6.48 -2.60 7.67
CA SER A 113 7.47 -1.53 7.82
C SER A 113 8.49 -1.61 6.68
N GLN A 114 8.20 -0.94 5.59
CA GLN A 114 9.10 -0.89 4.47
C GLN A 114 10.25 0.09 4.78
N GLU A 115 11.49 -0.35 4.54
CA GLU A 115 12.67 0.54 4.61
C GLU A 115 12.91 1.24 3.27
N VAL A 116 13.17 0.43 2.24
CA VAL A 116 13.58 0.93 0.96
C VAL A 116 12.89 0.12 -0.13
N SER A 117 12.52 0.77 -1.22
CA SER A 117 12.05 0.03 -2.40
C SER A 117 12.64 0.55 -3.69
N PHE A 118 12.88 -0.36 -4.61
CA PHE A 118 13.29 -0.02 -5.97
C PHE A 118 12.24 -0.50 -6.95
N SER A 119 11.76 0.42 -7.79
CA SER A 119 10.72 0.09 -8.76
CA SER A 119 10.71 0.12 -8.76
C SER A 119 11.10 0.57 -10.16
N ASN A 120 10.29 0.18 -11.14
CA ASN A 120 10.58 0.39 -12.55
C ASN A 120 11.92 -0.17 -12.93
N LEU A 121 12.20 -1.37 -12.45
CA LEU A 121 13.48 -2.01 -12.73
C LEU A 121 13.57 -2.49 -14.17
N GLY A 122 12.43 -2.83 -14.75
CA GLY A 122 12.37 -3.13 -16.18
C GLY A 122 13.15 -4.37 -16.58
N LEU A 123 13.35 -5.29 -15.64
CA LEU A 123 14.08 -6.51 -15.90
C LEU A 123 13.15 -7.56 -16.48
N ASP A 124 13.65 -8.34 -17.40
CA ASP A 124 12.82 -9.31 -18.12
C ASP A 124 13.67 -10.42 -18.66
N SER A 125 13.57 -11.59 -18.03
CA SER A 125 14.36 -12.72 -18.41
C SER A 125 13.44 -13.84 -18.90
N PRO A 126 13.84 -14.49 -20.01
CA PRO A 126 13.07 -15.60 -20.57
C PRO A 126 13.36 -16.87 -19.87
N ILE A 127 12.44 -17.81 -19.96
CA ILE A 127 12.58 -19.09 -19.29
C ILE A 127 13.84 -19.84 -19.74
N ALA A 128 14.16 -19.80 -21.04
CA ALA A 128 15.21 -20.66 -21.57
C ALA A 128 16.62 -20.25 -21.07
N GLN A 129 16.71 -19.06 -20.46
CA GLN A 129 17.97 -18.61 -19.85
C GLN A 129 18.23 -19.35 -18.51
N GLY A 130 17.19 -19.99 -17.95
CA GLY A 130 17.35 -20.74 -16.73
C GLY A 130 17.92 -19.88 -15.62
N ARG A 131 18.74 -20.48 -14.76
CA ARG A 131 19.27 -19.79 -13.59
C ARG A 131 20.37 -18.79 -13.94
N ASP A 132 20.71 -18.68 -15.23
CA ASP A 132 21.59 -17.57 -15.70
C ASP A 132 20.84 -16.29 -16.02
N GLY A 133 19.51 -16.34 -15.93
CA GLY A 133 18.71 -15.15 -16.10
C GLY A 133 18.98 -14.10 -15.02
N THR A 134 18.99 -12.83 -15.43
CA THR A 134 19.17 -11.73 -14.49
C THR A 134 18.10 -11.72 -13.40
N VAL A 135 16.85 -11.95 -13.78
CA VAL A 135 15.76 -11.94 -12.82
C VAL A 135 16.00 -12.99 -11.73
N HIS A 136 16.37 -14.20 -12.15
CA HIS A 136 16.67 -15.25 -11.20
C HIS A 136 17.79 -14.84 -10.25
N LYS A 137 18.90 -14.38 -10.81
CA LYS A 137 20.09 -14.07 -10.02
C LYS A 137 19.84 -12.93 -9.04
N VAL A 138 19.06 -11.94 -9.46
CA VAL A 138 18.77 -10.81 -8.60
C VAL A 138 18.01 -11.29 -7.35
N VAL A 139 16.94 -12.05 -7.56
CA VAL A 139 16.08 -12.42 -6.45
C VAL A 139 16.66 -13.56 -5.63
N TYR A 140 17.21 -14.58 -6.29
CA TYR A 140 17.87 -15.64 -5.58
C TYR A 140 19.01 -15.12 -4.71
N GLY A 141 19.72 -14.11 -5.20
CA GLY A 141 20.75 -13.45 -4.43
C GLY A 141 20.23 -12.91 -3.08
N LEU A 142 19.08 -12.25 -3.13
CA LEU A 142 18.44 -11.75 -1.92
C LEU A 142 18.11 -12.87 -0.96
N MET A 143 17.64 -14.00 -1.50
CA MET A 143 17.28 -15.15 -0.69
C MET A 143 18.48 -15.71 0.05
N SER A 144 19.65 -15.60 -0.57
CA SER A 144 20.85 -16.28 -0.06
C SER A 144 21.89 -15.30 0.48
N GLY A 145 21.44 -14.11 0.86
CA GLY A 145 22.29 -13.15 1.59
C GLY A 145 23.38 -12.52 0.74
N ASP A 146 23.09 -12.32 -0.55
CA ASP A 146 24.01 -11.63 -1.45
C ASP A 146 23.26 -10.68 -2.36
N SER A 147 23.38 -9.39 -2.10
CA SER A 147 22.66 -8.39 -2.87
C SER A 147 23.46 -7.91 -4.10
N SER A 148 24.52 -8.63 -4.47
CA SER A 148 25.45 -8.18 -5.57
C SER A 148 24.73 -7.95 -6.87
N ALA A 149 23.97 -8.96 -7.30
CA ALA A 149 23.27 -8.90 -8.57
C ALA A 149 22.30 -7.74 -8.59
N LEU A 150 21.56 -7.57 -7.51
CA LEU A 150 20.63 -6.44 -7.41
C LEU A 150 21.40 -5.12 -7.47
N GLN A 151 22.49 -5.04 -6.73
CA GLN A 151 23.31 -3.84 -6.75
C GLN A 151 23.73 -3.48 -8.16
N GLY A 152 24.15 -4.47 -8.93
CA GLY A 152 24.65 -4.23 -10.29
C GLY A 152 23.60 -3.68 -11.21
N GLN A 153 22.38 -4.19 -11.08
CA GLN A 153 21.30 -3.76 -11.91
C GLN A 153 20.84 -2.37 -11.52
N ILE A 154 20.83 -2.08 -10.24
CA ILE A 154 20.49 -0.74 -9.80
C ILE A 154 21.56 0.24 -10.31
N ASP A 155 22.82 -0.17 -10.22
CA ASP A 155 23.94 0.70 -10.64
C ASP A 155 23.74 1.12 -12.10
N ALA A 156 23.47 0.13 -12.94
CA ALA A 156 23.23 0.34 -14.38
C ALA A 156 22.07 1.28 -14.63
N LEU A 157 20.94 1.02 -13.99
CA LEU A 157 19.76 1.84 -14.17
C LEU A 157 20.03 3.27 -13.74
N LEU A 158 20.78 3.42 -12.66
CA LEU A 158 21.07 4.75 -12.15
C LEU A 158 21.95 5.51 -13.14
N LYS A 159 22.94 4.84 -13.69
CA LYS A 159 23.87 5.50 -14.63
C LYS A 159 23.13 5.98 -15.85
N ALA A 160 22.19 5.16 -16.32
CA ALA A 160 21.39 5.50 -17.50
C ALA A 160 20.55 6.76 -17.28
N VAL A 161 20.19 7.04 -16.04
CA VAL A 161 19.46 8.30 -15.73
C VAL A 161 20.39 9.49 -15.81
N ASP A 162 21.49 9.40 -15.11
CA ASP A 162 22.46 10.46 -15.07
C ASP A 162 23.78 9.87 -14.67
N PRO A 163 24.83 10.15 -15.46
CA PRO A 163 26.10 9.45 -15.28
C PRO A 163 26.80 9.78 -13.95
N SER A 164 26.34 10.83 -13.26
CA SER A 164 26.87 11.15 -11.91
C SER A 164 26.29 10.25 -10.81
N LEU A 165 25.30 9.44 -11.16
CA LEU A 165 24.63 8.58 -10.18
C LEU A 165 25.19 7.20 -10.22
N SER A 166 25.16 6.51 -9.08
CA SER A 166 25.65 5.18 -8.98
C SER A 166 25.10 4.51 -7.75
N ILE A 167 25.46 3.25 -7.60
CA ILE A 167 25.16 2.52 -6.36
C ILE A 167 25.83 3.19 -5.11
N ASN A 168 26.85 4.01 -5.35
CA ASN A 168 27.55 4.65 -4.23
C ASN A 168 27.04 6.05 -3.93
N SER A 169 25.99 6.48 -4.62
CA SER A 169 25.33 7.75 -4.31
C SER A 169 24.60 7.60 -2.97
N THR A 170 24.37 8.72 -2.27
CA THR A 170 23.45 8.73 -1.11
C THR A 170 22.00 8.77 -1.58
N PHE A 171 21.10 8.27 -0.76
CA PHE A 171 19.70 8.38 -1.09
C PHE A 171 19.30 9.85 -1.31
N ASP A 172 19.86 10.75 -0.49
CA ASP A 172 19.54 12.17 -0.63
C ASP A 172 19.98 12.72 -1.98
N GLN A 173 21.12 12.24 -2.46
CA GLN A 173 21.59 12.63 -3.79
CA GLN A 173 21.61 12.61 -3.80
C GLN A 173 20.64 12.16 -4.87
N LEU A 174 20.14 10.94 -4.71
CA LEU A 174 19.21 10.38 -5.68
C LEU A 174 17.93 11.14 -5.67
N ALA A 175 17.53 11.60 -4.50
CA ALA A 175 16.36 12.44 -4.38
C ALA A 175 16.58 13.77 -5.12
N ALA A 176 17.75 14.38 -4.91
CA ALA A 176 18.10 15.64 -5.59
C ALA A 176 18.10 15.46 -7.09
N ALA A 177 18.44 14.25 -7.55
CA ALA A 177 18.49 13.95 -8.96
C ALA A 177 17.16 13.47 -9.53
N GLY A 178 16.12 13.45 -8.69
CA GLY A 178 14.74 13.19 -9.14
C GLY A 178 14.37 11.69 -9.13
N VAL A 179 15.29 10.86 -8.66
CA VAL A 179 15.16 9.39 -8.81
C VAL A 179 14.58 8.75 -7.53
N ALA A 180 14.73 9.43 -6.40
CA ALA A 180 14.30 8.86 -5.12
C ALA A 180 13.47 9.83 -4.32
N HIS A 181 12.76 9.29 -3.33
CA HIS A 181 11.83 10.07 -2.54
C HIS A 181 11.86 9.59 -1.09
N ALA A 182 12.12 10.51 -0.17
CA ALA A 182 12.14 10.18 1.24
C ALA A 182 10.71 10.06 1.76
N THR A 183 10.49 9.13 2.69
CA THR A 183 9.24 9.04 3.42
C THR A 183 9.02 10.33 4.21
N PRO A 184 7.86 10.99 4.00
CA PRO A 184 7.49 12.09 4.88
C PRO A 184 7.52 11.68 6.36
N ALA A 185 7.10 10.43 6.64
CA ALA A 185 7.08 9.90 8.02
C ALA A 185 8.50 9.81 8.60
N ALA A 186 8.63 9.98 9.93
CA ALA A 186 7.49 10.31 10.80
C ALA A 186 7.34 11.84 10.95
N MET B 3 -20.56 -8.59 11.48
CA MET B 3 -21.80 -7.77 11.69
C MET B 3 -22.12 -6.95 10.43
N SER B 4 -23.37 -6.57 10.27
CA SER B 4 -23.75 -5.79 9.09
C SER B 4 -23.48 -4.31 9.31
N ILE B 5 -23.54 -3.56 8.22
CA ILE B 5 -23.20 -2.16 8.22
C ILE B 5 -23.88 -1.40 9.37
N SER B 6 -23.08 -0.58 10.04
CA SER B 6 -23.59 0.28 11.08
C SER B 6 -23.17 1.71 10.80
N ILE B 7 -24.05 2.63 11.06
CA ILE B 7 -23.80 4.02 10.77
C ILE B 7 -24.02 4.83 12.04
N SER B 8 -23.08 5.69 12.33
CA SER B 8 -23.24 6.62 13.45
C SER B 8 -23.34 8.02 12.91
N TYR B 9 -24.30 8.80 13.42
CA TYR B 9 -24.48 10.17 12.97
C TYR B 9 -24.81 11.09 14.09
N SER B 10 -24.23 12.29 14.04
CA SER B 10 -24.65 13.38 14.91
C SER B 10 -26.09 13.77 14.60
N THR B 11 -26.83 14.14 15.63
CA THR B 11 -28.26 14.47 15.50
CA THR B 11 -28.25 14.46 15.50
C THR B 11 -28.48 15.65 14.57
N THR B 12 -27.45 16.46 14.38
CA THR B 12 -27.48 17.54 13.41
C THR B 12 -27.94 17.06 12.01
N TYR B 13 -27.68 15.79 11.69
CA TYR B 13 -27.91 15.29 10.34
C TYR B 13 -29.08 14.31 10.29
N SER B 14 -29.88 14.32 11.35
CA SER B 14 -31.02 13.42 11.46
C SER B 14 -31.87 13.43 10.20
N GLY B 15 -32.16 14.64 9.70
CA GLY B 15 -33.09 14.82 8.58
C GLY B 15 -32.41 14.82 7.20
N TRP B 16 -31.08 14.67 7.19
CA TRP B 16 -30.33 14.64 5.91
C TRP B 16 -30.35 13.25 5.30
N THR B 17 -30.30 13.18 3.98
CA THR B 17 -30.00 11.92 3.31
C THR B 17 -28.52 11.68 3.33
N VAL B 18 -28.12 10.43 3.24
CA VAL B 18 -26.72 10.09 3.24
C VAL B 18 -26.02 10.73 2.02
N ALA B 19 -26.68 10.66 0.87
CA ALA B 19 -26.17 11.27 -0.36
C ALA B 19 -25.89 12.76 -0.17
N ASP B 20 -26.84 13.47 0.42
CA ASP B 20 -26.71 14.89 0.59
C ASP B 20 -25.62 15.24 1.57
N TYR B 21 -25.55 14.52 2.68
CA TYR B 21 -24.47 14.76 3.64
C TYR B 21 -23.09 14.55 2.97
N LEU B 22 -22.92 13.44 2.25
CA LEU B 22 -21.61 13.09 1.65
C LEU B 22 -21.20 14.06 0.55
N ALA B 23 -22.17 14.49 -0.25
CA ALA B 23 -21.92 15.49 -1.25
C ALA B 23 -21.46 16.79 -0.60
N ASP B 24 -22.21 17.22 0.41
CA ASP B 24 -21.87 18.40 1.19
C ASP B 24 -20.47 18.28 1.83
N TRP B 25 -20.22 17.16 2.49
CA TRP B 25 -18.95 16.96 3.16
C TRP B 25 -17.82 16.99 2.14
N SER B 26 -18.04 16.35 0.99
CA SER B 26 -16.99 16.18 -0.02
C SER B 26 -16.59 17.52 -0.64
N ALA B 27 -17.58 18.39 -0.86
CA ALA B 27 -17.33 19.74 -1.36
C ALA B 27 -16.60 20.57 -0.28
N TYR B 28 -16.97 20.35 0.96
CA TYR B 28 -16.40 21.09 2.06
C TYR B 28 -14.93 20.67 2.30
N PHE B 29 -14.65 19.37 2.14
CA PHE B 29 -13.27 18.85 2.25
C PHE B 29 -12.45 19.28 1.03
N GLY B 30 -13.05 19.22 -0.15
CA GLY B 30 -12.41 19.65 -1.39
C GLY B 30 -11.46 18.60 -1.96
N ASP B 31 -10.41 19.07 -2.63
CA ASP B 31 -9.49 18.21 -3.34
C ASP B 31 -8.08 18.58 -2.92
N VAL B 32 -7.36 17.63 -2.31
CA VAL B 32 -5.99 17.91 -1.84
C VAL B 32 -4.94 17.81 -2.98
N ASN B 33 -5.41 17.47 -4.19
CA ASN B 33 -4.54 17.41 -5.38
CA ASN B 33 -4.54 17.40 -5.38
C ASN B 33 -3.39 16.41 -5.19
N HIS B 34 -3.74 15.23 -4.72
CA HIS B 34 -2.76 14.16 -4.53
C HIS B 34 -2.63 13.40 -5.84
N ARG B 35 -1.90 13.98 -6.79
CA ARG B 35 -1.83 13.49 -8.16
C ARG B 35 -0.39 13.58 -8.67
N PRO B 36 -0.10 12.95 -9.81
CA PRO B 36 1.28 12.94 -10.30
C PRO B 36 1.90 14.34 -10.34
N GLY B 37 3.05 14.49 -9.68
CA GLY B 37 3.81 15.75 -9.72
C GLY B 37 3.32 16.80 -8.72
N GLN B 38 2.20 16.51 -8.03
CA GLN B 38 1.59 17.46 -7.10
CA GLN B 38 1.62 17.47 -7.09
C GLN B 38 1.69 16.96 -5.65
N VAL B 39 2.35 15.82 -5.46
CA VAL B 39 2.70 15.33 -4.13
C VAL B 39 4.23 15.43 -3.96
N VAL B 40 4.67 16.30 -3.07
CA VAL B 40 6.12 16.52 -2.86
C VAL B 40 6.49 16.47 -1.36
N ASP B 41 5.47 16.52 -0.49
CA ASP B 41 5.66 17.02 0.87
C ASP B 41 4.61 16.45 1.80
N GLY B 42 4.80 16.68 3.10
CA GLY B 42 3.73 16.46 4.08
C GLY B 42 2.68 17.56 4.07
N SER B 43 2.20 17.89 2.87
CA SER B 43 1.08 18.82 2.72
C SER B 43 -0.22 18.04 2.42
N ASN B 44 -0.11 17.00 1.60
CA ASN B 44 -1.28 16.29 1.07
C ASN B 44 -1.05 14.78 0.88
N THR B 45 -0.12 14.21 1.65
CA THR B 45 0.08 12.76 1.63
C THR B 45 -0.97 12.07 2.49
N GLY B 46 -1.37 12.72 3.58
CA GLY B 46 -2.02 12.04 4.69
C GLY B 46 -1.03 11.13 5.38
N GLY B 47 -1.53 10.22 6.22
CA GLY B 47 -0.66 9.31 6.92
C GLY B 47 -1.29 7.98 7.22
N PHE B 48 -0.47 6.96 7.29
CA PHE B 48 -0.88 5.67 7.77
C PHE B 48 -0.47 5.47 9.21
N ASN B 49 -1.34 4.83 9.98
CA ASN B 49 -1.00 4.33 11.31
C ASN B 49 -1.03 2.82 11.35
N PRO B 50 0.12 2.17 11.68
CA PRO B 50 1.40 2.80 12.15
C PRO B 50 2.26 3.37 11.05
N GLY B 51 2.04 2.94 9.82
CA GLY B 51 2.76 3.51 8.67
C GLY B 51 4.12 2.87 8.51
N PRO B 52 4.91 3.33 7.54
CA PRO B 52 4.65 4.50 6.70
C PRO B 52 3.59 4.30 5.62
N PHE B 53 3.49 3.09 5.07
CA PHE B 53 2.66 2.84 3.88
C PHE B 53 1.72 1.67 4.11
N ASP B 54 1.31 1.48 5.35
CA ASP B 54 0.59 0.29 5.75
C ASP B 54 0.04 0.53 7.15
N GLY B 55 -1.17 0.05 7.41
CA GLY B 55 -1.64 -0.08 8.80
C GLY B 55 -3.14 -0.24 8.95
N SER B 56 -3.62 0.00 10.18
CA SER B 56 -5.03 -0.14 10.53
C SER B 56 -5.84 1.15 10.22
N GLN B 57 -5.13 2.27 10.03
CA GLN B 57 -5.75 3.54 9.64
C GLN B 57 -4.98 4.27 8.56
N TYR B 58 -5.71 4.89 7.63
CA TYR B 58 -5.20 6.00 6.83
C TYR B 58 -6.04 7.24 7.10
N ALA B 59 -5.39 8.38 7.28
CA ALA B 59 -6.09 9.60 7.66
C ALA B 59 -5.55 10.78 6.89
N LEU B 60 -6.43 11.68 6.49
CA LEU B 60 -6.05 12.81 5.68
C LEU B 60 -6.86 14.03 6.04
N LYS B 61 -6.16 15.13 6.24
CA LYS B 61 -6.76 16.42 6.50
C LYS B 61 -6.97 17.17 5.19
N SER B 62 -8.07 17.91 5.11
CA SER B 62 -8.28 18.85 4.02
C SER B 62 -7.16 19.89 4.01
N THR B 63 -6.82 20.35 2.82
CA THR B 63 -5.90 21.47 2.67
C THR B 63 -6.65 22.78 2.42
N ALA B 64 -7.99 22.71 2.45
CA ALA B 64 -8.85 23.86 2.19
C ALA B 64 -9.70 24.22 3.39
N SER B 65 -9.82 23.28 4.34
CA SER B 65 -10.69 23.46 5.49
C SER B 65 -10.25 22.58 6.64
N ASP B 66 -11.03 22.58 7.72
CA ASP B 66 -10.74 21.75 8.88
C ASP B 66 -11.23 20.29 8.71
N ALA B 67 -11.89 20.02 7.58
CA ALA B 67 -12.44 18.65 7.30
C ALA B 67 -11.33 17.60 7.27
N ALA B 68 -11.67 16.38 7.68
CA ALA B 68 -10.74 15.26 7.65
C ALA B 68 -11.55 13.99 7.62
N PHE B 69 -10.92 12.91 7.16
CA PHE B 69 -11.50 11.60 7.28
C PHE B 69 -10.48 10.60 7.76
N ILE B 70 -10.97 9.52 8.33
CA ILE B 70 -10.14 8.40 8.72
C ILE B 70 -10.71 7.13 8.11
N ALA B 71 -9.87 6.39 7.41
CA ALA B 71 -10.25 5.10 6.90
C ALA B 71 -9.64 4.02 7.76
N GLY B 72 -10.46 3.08 8.18
CA GLY B 72 -10.05 2.04 9.08
C GLY B 72 -10.18 0.66 8.48
N GLY B 73 -9.21 -0.20 8.79
CA GLY B 73 -9.29 -1.59 8.40
C GLY B 73 -7.92 -2.26 8.51
N ASP B 74 -7.53 -2.95 7.46
CA ASP B 74 -6.22 -3.56 7.34
C ASP B 74 -5.69 -3.19 5.96
N LEU B 75 -5.02 -2.03 5.90
CA LEU B 75 -4.80 -1.33 4.66
C LEU B 75 -3.34 -1.35 4.27
N HIS B 76 -3.10 -1.30 2.95
CA HIS B 76 -1.76 -1.32 2.39
C HIS B 76 -1.68 -0.35 1.22
N TYR B 77 -0.49 0.22 1.00
CA TYR B 77 -0.29 1.18 -0.08
C TYR B 77 0.99 0.86 -0.81
N THR B 78 0.91 0.79 -2.14
CA THR B 78 2.01 0.25 -2.98
C THR B 78 3.03 1.31 -3.30
N LEU B 79 2.67 2.56 -3.10
CA LEU B 79 3.52 3.71 -3.47
C LEU B 79 4.02 3.57 -4.93
N PHE B 80 5.34 3.34 -5.12
CA PHE B 80 5.92 3.34 -6.50
C PHE B 80 5.91 1.97 -7.15
N SER B 81 5.72 0.92 -6.34
CA SER B 81 5.78 -0.46 -6.85
C SER B 81 4.48 -0.83 -7.58
N ASN B 82 4.59 -1.59 -8.66
CA ASN B 82 3.43 -1.96 -9.46
C ASN B 82 2.49 -2.87 -8.67
N PRO B 83 1.19 -2.61 -8.76
CA PRO B 83 0.57 -1.49 -9.45
C PRO B 83 0.68 -0.21 -8.62
N SER B 84 1.29 0.81 -9.19
CA SER B 84 1.73 1.96 -8.44
C SER B 84 0.56 2.72 -7.84
N HIS B 85 0.77 3.22 -6.61
CA HIS B 85 -0.18 4.10 -5.97
C HIS B 85 -1.54 3.44 -5.86
N THR B 86 -1.54 2.24 -5.31
CA THR B 86 -2.74 1.51 -5.04
C THR B 86 -2.90 1.33 -3.55
N LEU B 87 -4.00 1.87 -3.01
CA LEU B 87 -4.50 1.48 -1.71
C LEU B 87 -5.36 0.22 -1.83
N TRP B 88 -4.99 -0.80 -1.09
CA TRP B 88 -5.71 -2.04 -1.11
C TRP B 88 -5.76 -2.67 0.26
N GLY B 89 -6.41 -3.83 0.35
CA GLY B 89 -6.61 -4.50 1.61
C GLY B 89 -8.06 -4.41 2.07
N LYS B 90 -8.26 -4.52 3.38
CA LYS B 90 -9.61 -4.52 3.96
C LYS B 90 -9.99 -3.11 4.44
N LEU B 91 -11.11 -2.61 3.93
CA LEU B 91 -11.65 -1.34 4.40
C LEU B 91 -12.89 -1.62 5.19
N ASP B 92 -12.79 -1.44 6.51
CA ASP B 92 -13.93 -1.70 7.45
C ASP B 92 -14.75 -0.44 7.73
N SER B 93 -14.10 0.72 7.76
CA SER B 93 -14.76 1.91 8.23
C SER B 93 -14.28 3.18 7.56
N ILE B 94 -15.19 4.15 7.49
CA ILE B 94 -14.87 5.51 7.10
C ILE B 94 -15.53 6.46 8.13
N ALA B 95 -14.72 7.29 8.77
CA ALA B 95 -15.21 8.30 9.68
C ALA B 95 -14.97 9.69 9.08
N LEU B 96 -16.02 10.50 9.09
CA LEU B 96 -15.98 11.82 8.54
C LEU B 96 -16.23 12.85 9.62
N GLY B 97 -15.54 13.96 9.53
CA GLY B 97 -15.81 15.07 10.41
C GLY B 97 -14.75 16.15 10.32
N ASP B 98 -14.43 16.72 11.48
CA ASP B 98 -13.61 17.93 11.56
C ASP B 98 -12.43 17.68 12.47
N THR B 99 -11.28 18.24 12.08
CA THR B 99 -10.15 18.41 12.98
C THR B 99 -9.50 17.08 13.36
N LEU B 100 -8.62 16.63 12.48
CA LEU B 100 -7.87 15.39 12.66
C LEU B 100 -6.88 15.57 13.82
N THR B 101 -6.77 14.54 14.68
CA THR B 101 -5.72 14.53 15.70
C THR B 101 -5.01 13.20 15.74
N GLY B 102 -3.89 13.17 16.44
CA GLY B 102 -3.19 11.95 16.72
C GLY B 102 -2.41 11.45 15.52
N GLY B 103 -2.14 10.15 15.52
CA GLY B 103 -1.29 9.55 14.53
C GLY B 103 -0.60 8.34 15.11
N ALA B 104 0.45 7.90 14.44
CA ALA B 104 1.15 6.68 14.82
C ALA B 104 1.74 6.80 16.24
N SER B 105 2.34 7.95 16.55
CA SER B 105 3.05 8.13 17.85
C SER B 105 2.08 8.12 19.03
N SER B 106 0.84 8.58 18.81
CA SER B 106 -0.25 8.36 19.80
C SER B 106 -0.95 7.03 19.54
N GLY B 107 -2.03 6.76 20.27
CA GLY B 107 -2.78 5.50 20.08
C GLY B 107 -3.22 5.26 18.62
N GLY B 108 -3.41 6.36 17.88
CA GLY B 108 -4.04 6.29 16.56
C GLY B 108 -4.56 7.66 16.16
N TYR B 109 -5.29 7.70 15.04
CA TYR B 109 -5.90 8.94 14.59
C TYR B 109 -7.27 9.06 15.17
N ALA B 110 -7.72 10.29 15.41
CA ALA B 110 -9.10 10.53 15.79
C ALA B 110 -9.57 11.86 15.28
N LEU B 111 -10.87 12.07 15.30
CA LEU B 111 -11.45 13.36 14.94
C LEU B 111 -11.97 14.05 16.19
N ASP B 112 -11.68 15.34 16.30
CA ASP B 112 -12.23 16.14 17.38
C ASP B 112 -13.75 16.21 17.27
N SER B 113 -14.24 16.45 16.05
CA SER B 113 -15.66 16.46 15.79
CA SER B 113 -15.67 16.47 15.79
C SER B 113 -16.02 15.42 14.73
N GLN B 114 -16.36 14.22 15.18
CA GLN B 114 -16.82 13.18 14.27
C GLN B 114 -18.29 13.37 13.96
N GLU B 115 -18.60 13.60 12.68
CA GLU B 115 -19.97 13.87 12.27
C GLU B 115 -20.69 12.57 11.88
N VAL B 116 -20.11 11.81 10.96
CA VAL B 116 -20.73 10.54 10.51
C VAL B 116 -19.65 9.48 10.33
N SER B 117 -19.98 8.26 10.72
CA SER B 117 -19.11 7.14 10.47
C SER B 117 -19.88 5.95 9.87
N PHE B 118 -19.20 5.21 8.99
CA PHE B 118 -19.74 4.01 8.40
C PHE B 118 -18.83 2.85 8.77
N SER B 119 -19.37 1.86 9.47
CA SER B 119 -18.58 0.72 9.94
CA SER B 119 -18.58 0.73 9.94
C SER B 119 -19.12 -0.59 9.41
N ASN B 120 -18.32 -1.64 9.52
CA ASN B 120 -18.65 -2.94 8.95
C ASN B 120 -18.92 -2.88 7.46
N LEU B 121 -18.06 -2.19 6.74
CA LEU B 121 -18.23 -2.03 5.31
C LEU B 121 -17.90 -3.33 4.53
N GLY B 122 -17.05 -4.17 5.13
CA GLY B 122 -16.77 -5.49 4.57
C GLY B 122 -16.09 -5.46 3.23
N LEU B 123 -15.42 -4.35 2.92
CA LEU B 123 -14.74 -4.20 1.66
C LEU B 123 -13.34 -4.79 1.72
N ASP B 124 -12.93 -5.44 0.64
CA ASP B 124 -11.65 -6.18 0.58
C ASP B 124 -11.19 -6.25 -0.88
N SER B 125 -10.11 -5.56 -1.19
CA SER B 125 -9.58 -5.50 -2.54
C SER B 125 -8.16 -6.02 -2.58
N PRO B 126 -7.86 -6.92 -3.54
CA PRO B 126 -6.52 -7.46 -3.65
C PRO B 126 -5.59 -6.53 -4.38
N ILE B 127 -4.31 -6.66 -4.10
CA ILE B 127 -3.33 -5.76 -4.65
C ILE B 127 -3.36 -5.80 -6.18
N ALA B 128 -3.61 -6.97 -6.73
CA ALA B 128 -3.54 -7.17 -8.19
C ALA B 128 -4.61 -6.38 -8.98
N GLN B 129 -5.69 -5.96 -8.33
CA GLN B 129 -6.70 -5.16 -9.00
C GLN B 129 -6.22 -3.72 -9.18
N GLY B 130 -5.18 -3.35 -8.46
CA GLY B 130 -4.59 -2.03 -8.60
C GLY B 130 -5.60 -0.96 -8.29
N ARG B 131 -5.51 0.14 -9.01
CA ARG B 131 -6.38 1.28 -8.77
C ARG B 131 -7.85 1.06 -9.22
N ASP B 132 -8.13 -0.09 -9.84
CA ASP B 132 -9.50 -0.46 -10.16
C ASP B 132 -10.20 -1.14 -8.96
N GLY B 133 -9.44 -1.40 -7.90
CA GLY B 133 -10.01 -1.97 -6.69
C GLY B 133 -10.99 -1.03 -6.03
N THR B 134 -12.05 -1.58 -5.48
CA THR B 134 -13.08 -0.79 -4.86
C THR B 134 -12.53 0.00 -3.66
N VAL B 135 -11.65 -0.63 -2.89
CA VAL B 135 -11.06 0.03 -1.74
C VAL B 135 -10.29 1.28 -2.19
N HIS B 136 -9.48 1.16 -3.24
CA HIS B 136 -8.74 2.30 -3.74
C HIS B 136 -9.69 3.41 -4.24
N LYS B 137 -10.70 3.02 -4.97
CA LYS B 137 -11.60 3.97 -5.58
C LYS B 137 -12.40 4.71 -4.53
N VAL B 138 -12.81 4.03 -3.47
CA VAL B 138 -13.57 4.66 -2.38
C VAL B 138 -12.72 5.74 -1.69
N VAL B 139 -11.53 5.37 -1.26
CA VAL B 139 -10.72 6.27 -0.43
C VAL B 139 -10.10 7.38 -1.27
N TYR B 140 -9.55 7.01 -2.42
CA TYR B 140 -8.92 8.02 -3.30
C TYR B 140 -9.96 9.03 -3.79
N GLY B 141 -11.18 8.54 -3.96
CA GLY B 141 -12.27 9.42 -4.29
C GLY B 141 -12.39 10.54 -3.29
N LEU B 142 -12.31 10.19 -2.01
CA LEU B 142 -12.49 11.16 -0.94
C LEU B 142 -11.40 12.19 -0.97
N MET B 143 -10.20 11.74 -1.32
CA MET B 143 -9.02 12.60 -1.33
C MET B 143 -9.16 13.64 -2.40
N SER B 144 -9.89 13.30 -3.46
CA SER B 144 -9.93 14.10 -4.65
C SER B 144 -11.30 14.78 -4.82
N GLY B 145 -12.07 14.85 -3.73
CA GLY B 145 -13.31 15.64 -3.69
C GLY B 145 -14.50 14.95 -4.39
N ASP B 146 -14.53 13.63 -4.34
CA ASP B 146 -15.57 12.87 -5.03
C ASP B 146 -15.96 11.63 -4.20
N SER B 147 -17.12 11.68 -3.59
CA SER B 147 -17.57 10.61 -2.72
C SER B 147 -18.47 9.62 -3.45
N SER B 148 -18.52 9.71 -4.78
CA SER B 148 -19.39 8.85 -5.61
CA SER B 148 -19.41 8.86 -5.58
C SER B 148 -19.15 7.38 -5.34
N ALA B 149 -17.88 7.01 -5.22
CA ALA B 149 -17.51 5.62 -5.05
C ALA B 149 -17.95 5.12 -3.67
N LEU B 150 -17.65 5.90 -2.63
CA LEU B 150 -18.14 5.58 -1.29
C LEU B 150 -19.67 5.47 -1.29
N GLN B 151 -20.35 6.44 -1.91
CA GLN B 151 -21.82 6.45 -1.96
C GLN B 151 -22.34 5.18 -2.61
N GLY B 152 -21.67 4.74 -3.69
CA GLY B 152 -22.06 3.53 -4.39
C GLY B 152 -21.99 2.30 -3.52
N GLN B 153 -20.93 2.21 -2.71
CA GLN B 153 -20.74 1.07 -1.86
C GLN B 153 -21.70 1.05 -0.68
N ILE B 154 -21.94 2.22 -0.08
CA ILE B 154 -22.92 2.33 1.01
CA ILE B 154 -22.91 2.33 1.01
C ILE B 154 -24.30 1.94 0.51
N ASP B 155 -24.64 2.43 -0.67
CA ASP B 155 -25.93 2.11 -1.31
C ASP B 155 -26.15 0.59 -1.42
N ALA B 156 -25.13 -0.11 -1.91
CA ALA B 156 -25.21 -1.53 -2.09
C ALA B 156 -25.37 -2.24 -0.75
N LEU B 157 -24.60 -1.82 0.26
CA LEU B 157 -24.70 -2.40 1.59
C LEU B 157 -26.08 -2.20 2.21
N LEU B 158 -26.62 -1.00 2.06
CA LEU B 158 -27.93 -0.65 2.65
C LEU B 158 -29.04 -1.47 1.99
N LYS B 159 -29.00 -1.57 0.67
CA LYS B 159 -30.01 -2.31 -0.08
C LYS B 159 -29.99 -3.79 0.28
N ALA B 160 -28.80 -4.32 0.58
CA ALA B 160 -28.66 -5.71 0.97
C ALA B 160 -29.28 -5.95 2.35
N VAL B 161 -29.24 -4.94 3.22
CA VAL B 161 -29.87 -5.06 4.54
C VAL B 161 -31.36 -5.11 4.37
N ASP B 162 -31.88 -4.17 3.58
CA ASP B 162 -33.30 -4.18 3.12
C ASP B 162 -33.45 -3.35 1.87
N PRO B 163 -34.20 -3.88 0.87
CA PRO B 163 -34.28 -3.20 -0.43
C PRO B 163 -34.88 -1.80 -0.35
N SER B 164 -35.57 -1.49 0.77
CA SER B 164 -36.20 -0.16 0.93
C SER B 164 -35.17 0.92 1.28
N LEU B 165 -33.98 0.49 1.74
CA LEU B 165 -32.93 1.40 2.24
C LEU B 165 -31.98 1.77 1.11
N SER B 166 -31.48 3.01 1.15
CA SER B 166 -30.53 3.51 0.14
C SER B 166 -29.82 4.78 0.65
N ILE B 167 -28.91 5.30 -0.15
CA ILE B 167 -28.22 6.55 0.20
C ILE B 167 -29.17 7.74 0.19
N ASN B 168 -30.36 7.55 -0.37
CA ASN B 168 -31.39 8.59 -0.36
C ASN B 168 -32.33 8.48 0.83
N SER B 169 -32.08 7.49 1.68
CA SER B 169 -32.70 7.47 2.98
C SER B 169 -32.07 8.54 3.86
N THR B 170 -32.88 9.15 4.71
CA THR B 170 -32.34 9.99 5.78
C THR B 170 -31.69 9.14 6.86
N PHE B 171 -30.84 9.75 7.66
CA PHE B 171 -30.19 9.05 8.77
C PHE B 171 -31.23 8.53 9.75
N ASP B 172 -32.30 9.30 9.96
CA ASP B 172 -33.34 8.85 10.86
C ASP B 172 -34.09 7.63 10.30
N GLN B 173 -34.30 7.61 8.99
CA GLN B 173 -34.90 6.45 8.33
C GLN B 173 -34.05 5.23 8.53
N LEU B 174 -32.74 5.41 8.36
CA LEU B 174 -31.84 4.31 8.56
C LEU B 174 -31.80 3.85 10.02
N ALA B 175 -32.01 4.79 10.95
CA ALA B 175 -32.08 4.42 12.39
C ALA B 175 -33.40 3.66 12.69
N ALA B 176 -34.48 4.06 12.02
CA ALA B 176 -35.75 3.35 12.15
C ALA B 176 -35.66 1.92 11.62
N ALA B 177 -34.66 1.65 10.76
CA ALA B 177 -34.38 0.26 10.30
C ALA B 177 -33.27 -0.41 11.08
N GLY B 178 -32.78 0.25 12.15
CA GLY B 178 -31.76 -0.34 13.06
C GLY B 178 -30.33 -0.30 12.52
N VAL B 179 -30.14 0.35 11.38
CA VAL B 179 -28.84 0.43 10.72
C VAL B 179 -28.02 1.60 11.27
N ALA B 180 -28.69 2.71 11.54
CA ALA B 180 -27.98 3.91 11.98
C ALA B 180 -28.30 4.24 13.41
N HIS B 181 -27.40 4.97 14.04
CA HIS B 181 -27.45 5.18 15.47
C HIS B 181 -27.00 6.60 15.79
N ALA B 182 -27.88 7.38 16.42
CA ALA B 182 -27.63 8.81 16.62
C ALA B 182 -26.63 9.05 17.76
N THR B 183 -25.81 10.07 17.60
CA THR B 183 -24.97 10.59 18.71
C THR B 183 -25.25 12.07 18.91
N PRO B 184 -24.91 12.60 20.10
CA PRO B 184 -25.10 14.04 20.35
C PRO B 184 -24.33 14.92 19.35
N ALA B 185 -24.83 16.13 19.12
CA ALA B 185 -24.17 17.07 18.19
C ALA B 185 -22.88 17.63 18.79
N ALA B 186 -22.10 18.32 17.96
CA ALA B 186 -20.86 18.97 18.41
C ALA B 186 -21.17 20.23 19.22
#